data_3M8J
#
_entry.id   3M8J
#
_cell.length_a   47.390
_cell.length_b   58.823
_cell.length_c   65.840
_cell.angle_alpha   90.00
_cell.angle_beta   90.00
_cell.angle_gamma   90.00
#
_symmetry.space_group_name_H-M   'P 21 21 21'
#
loop_
_entity.id
_entity.type
_entity.pdbx_description
1 polymer 'FocB protein'
2 water water
#
_entity_poly.entity_id   1
_entity_poly.type   'polypeptide(L)'
_entity_poly.pdbx_seq_one_letter_code
;GAMAQHEVITRGGDAFLLKLRESALSSGSMSEEQFFLLIGISSIHSDRVILAMKDYLVSGHSRKDVCEKYQMNNGYFSTT
LGRLTRLNVLVARLAPYYTDSVSAIAEAASL
;
_entity_poly.pdbx_strand_id   A,B
#
# COMPACT_ATOMS: atom_id res chain seq x y z
N GLY A 12 -19.58 4.40 -7.65
CA GLY A 12 -19.23 5.80 -7.29
C GLY A 12 -18.00 6.34 -7.97
N GLY A 13 -17.72 5.89 -9.19
CA GLY A 13 -16.59 6.37 -9.98
C GLY A 13 -16.55 7.86 -10.19
N ASP A 14 -17.69 8.51 -10.42
CA ASP A 14 -17.68 9.94 -10.68
C ASP A 14 -17.21 10.73 -9.45
N ALA A 15 -17.77 10.41 -8.28
CA ALA A 15 -17.31 11.02 -7.02
C ALA A 15 -15.82 10.73 -6.69
N PHE A 16 -15.38 9.52 -7.02
CA PHE A 16 -13.97 9.09 -6.85
C PHE A 16 -13.06 10.08 -7.59
N LEU A 17 -13.41 10.39 -8.85
CA LEU A 17 -12.60 11.33 -9.64
C LEU A 17 -12.58 12.74 -9.04
N LEU A 18 -13.72 13.23 -8.59
CA LEU A 18 -13.80 14.52 -7.92
C LEU A 18 -12.93 14.54 -6.67
N LYS A 19 -12.95 13.47 -5.90
CA LYS A 19 -12.12 13.38 -4.69
C LYS A 19 -10.64 13.41 -5.05
N LEU A 20 -10.24 12.71 -6.09
CA LEU A 20 -8.86 12.72 -6.54
C LEU A 20 -8.38 14.10 -6.93
N ARG A 21 -9.25 14.88 -7.59
CA ARG A 21 -8.87 16.24 -7.93
C ARG A 21 -8.56 17.08 -6.69
N GLU A 22 -9.42 16.98 -5.71
CA GLU A 22 -9.27 17.75 -4.49
C GLU A 22 -7.99 17.38 -3.77
N SER A 23 -7.67 16.10 -3.82
CA SER A 23 -6.59 15.53 -3.05
C SER A 23 -5.24 15.46 -3.77
N ALA A 24 -5.15 15.92 -5.05
CA ALA A 24 -4.03 15.61 -5.93
C ALA A 24 -2.70 16.01 -5.28
N LEU A 25 -1.73 15.13 -5.39
CA LEU A 25 -0.38 15.43 -4.88
C LEU A 25 0.30 16.48 -5.75
N SER A 26 1.03 17.38 -5.06
CA SER A 26 1.79 18.47 -5.69
C SER A 26 3.23 18.13 -6.00
N SER A 27 3.82 18.83 -6.97
CA SER A 27 5.25 18.69 -7.26
C SER A 27 6.11 19.12 -6.04
N GLY A 28 7.16 18.38 -5.70
CA GLY A 28 8.09 18.79 -4.65
C GLY A 28 7.46 18.75 -3.27
N SER A 29 6.57 17.77 -3.05
CA SER A 29 5.83 17.73 -1.81
C SER A 29 6.25 16.65 -0.84
N MET A 30 7.14 15.76 -1.23
CA MET A 30 7.52 14.73 -0.28
C MET A 30 8.97 14.39 -0.32
N SER A 31 9.42 13.83 0.79
CA SER A 31 10.77 13.33 0.86
C SER A 31 10.89 12.08 0.03
N GLU A 32 12.11 11.72 -0.30
CA GLU A 32 12.41 10.50 -0.99
C GLU A 32 11.90 9.31 -0.21
N GLU A 33 12.08 9.32 1.11
CA GLU A 33 11.63 8.18 1.89
C GLU A 33 10.12 8.00 1.78
N GLN A 34 9.39 9.10 1.97
CA GLN A 34 7.90 9.02 1.86
C GLN A 34 7.48 8.53 0.47
N PHE A 35 8.12 9.08 -0.56
CA PHE A 35 7.86 8.68 -1.94
C PHE A 35 8.08 7.20 -2.13
N PHE A 36 9.22 6.66 -1.72
CA PHE A 36 9.47 5.27 -1.98
C PHE A 36 8.62 4.32 -1.18
N LEU A 37 8.20 4.76 0.00
CA LEU A 37 7.21 3.99 0.74
C LEU A 37 5.87 3.92 0.01
N LEU A 38 5.39 5.05 -0.55
CA LEU A 38 4.18 5.01 -1.34
C LEU A 38 4.35 4.15 -2.58
N ILE A 39 5.45 4.28 -3.29
CA ILE A 39 5.75 3.38 -4.42
C ILE A 39 5.73 1.93 -4.01
N GLY A 40 6.31 1.66 -2.87
CA GLY A 40 6.38 0.32 -2.31
C GLY A 40 5.03 -0.31 -2.14
N ILE A 41 4.08 0.47 -1.65
CA ILE A 41 2.70 -0.04 -1.48
C ILE A 41 2.00 -0.19 -2.83
N SER A 42 2.37 0.62 -3.79
CA SER A 42 1.68 0.61 -5.07
C SER A 42 1.99 -0.60 -5.89
N SER A 43 1.21 -0.77 -6.94
CA SER A 43 1.46 -1.75 -7.98
C SER A 43 2.13 -1.12 -9.20
N ILE A 44 2.79 0.03 -9.06
CA ILE A 44 3.50 0.65 -10.17
C ILE A 44 4.77 -0.15 -10.40
N HIS A 45 4.92 -0.63 -11.64
CA HIS A 45 6.00 -1.55 -12.00
C HIS A 45 7.07 -0.89 -12.88
N SER A 46 6.67 0.05 -13.72
CA SER A 46 7.58 0.63 -14.73
C SER A 46 8.72 1.45 -14.08
N ASP A 47 9.97 1.07 -14.31
CA ASP A 47 11.12 1.79 -13.76
C ASP A 47 11.13 3.27 -14.22
N ARG A 48 10.84 3.50 -15.50
CA ARG A 48 10.83 4.88 -15.96
C ARG A 48 9.69 5.69 -15.32
N VAL A 49 8.55 5.03 -15.12
CA VAL A 49 7.44 5.70 -14.46
C VAL A 49 7.76 6.05 -13.01
N ILE A 50 8.41 5.15 -12.29
CA ILE A 50 8.81 5.46 -10.90
C ILE A 50 9.77 6.64 -10.89
N LEU A 51 10.74 6.65 -11.80
CA LEU A 51 11.65 7.78 -11.87
C LEU A 51 10.95 9.10 -12.23
N ALA A 52 9.97 9.05 -13.15
CA ALA A 52 9.24 10.24 -13.49
C ALA A 52 8.46 10.80 -12.29
N MET A 53 7.82 9.89 -11.54
CA MET A 53 7.07 10.33 -10.37
C MET A 53 7.99 10.86 -9.28
N LYS A 54 9.18 10.27 -9.15
CA LYS A 54 10.17 10.78 -8.20
C LYS A 54 10.59 12.18 -8.60
N ASP A 55 10.85 12.34 -9.88
CA ASP A 55 11.28 13.66 -10.36
C ASP A 55 10.22 14.71 -10.10
N TYR A 56 8.94 14.36 -10.25
CA TYR A 56 7.85 15.30 -9.96
C TYR A 56 7.62 15.50 -8.47
N LEU A 57 7.38 14.42 -7.74
CA LEU A 57 6.97 14.54 -6.34
C LEU A 57 8.09 14.92 -5.38
N VAL A 58 9.30 14.44 -5.65
CA VAL A 58 10.43 14.71 -4.75
C VAL A 58 11.21 15.89 -5.31
N SER A 59 11.61 15.84 -6.57
CA SER A 59 12.64 16.77 -7.07
C SER A 59 12.03 18.03 -7.59
N GLY A 60 10.71 18.07 -7.73
CA GLY A 60 10.01 19.30 -8.08
C GLY A 60 9.98 19.64 -9.56
N HIS A 61 10.38 18.68 -10.42
CA HIS A 61 10.27 18.87 -11.89
C HIS A 61 8.83 19.10 -12.32
N SER A 62 8.62 19.78 -13.45
CA SER A 62 7.27 20.01 -13.96
C SER A 62 6.75 18.71 -14.61
N ARG A 63 5.44 18.61 -14.76
CA ARG A 63 4.82 17.52 -15.55
C ARG A 63 5.40 17.46 -16.94
N LYS A 64 5.49 18.62 -17.61
CA LYS A 64 6.05 18.67 -18.95
C LYS A 64 7.47 18.11 -18.95
N ASP A 65 8.27 18.49 -17.97
CA ASP A 65 9.63 17.98 -17.91
C ASP A 65 9.70 16.44 -17.79
N VAL A 66 8.92 15.88 -16.88
CA VAL A 66 9.03 14.45 -16.67
C VAL A 66 8.46 13.64 -17.83
N CYS A 67 7.40 14.15 -18.46
CA CYS A 67 6.80 13.41 -19.56
C CYS A 67 7.75 13.33 -20.73
N GLU A 68 8.52 14.40 -20.92
CA GLU A 68 9.52 14.46 -21.98
C GLU A 68 10.69 13.56 -21.68
N LYS A 69 11.17 13.63 -20.45
CA LYS A 69 12.34 12.86 -20.05
C LYS A 69 12.09 11.35 -20.07
N TYR A 70 10.89 10.94 -19.65
CA TYR A 70 10.62 9.54 -19.48
C TYR A 70 9.63 9.00 -20.46
N GLN A 71 9.40 9.73 -21.54
CA GLN A 71 8.56 9.24 -22.65
C GLN A 71 7.19 8.76 -22.21
N MET A 72 6.47 9.64 -21.51
CA MET A 72 5.11 9.32 -21.03
C MET A 72 4.15 10.28 -21.70
N ASN A 73 3.00 9.77 -22.12
CA ASN A 73 1.93 10.69 -22.58
C ASN A 73 1.14 11.23 -21.38
N ASN A 74 0.26 12.19 -21.65
CA ASN A 74 -0.45 12.83 -20.56
C ASN A 74 -1.32 11.89 -19.80
N GLY A 75 -1.98 10.97 -20.44
CA GLY A 75 -2.81 10.02 -19.76
C GLY A 75 -2.01 9.13 -18.84
N TYR A 76 -0.81 8.71 -19.24
CA TYR A 76 0.03 7.90 -18.38
C TYR A 76 0.47 8.68 -17.16
N PHE A 77 0.89 9.93 -17.36
CA PHE A 77 1.25 10.72 -16.20
C PHE A 77 0.07 10.93 -15.29
N SER A 78 -1.07 11.35 -15.81
CA SER A 78 -2.21 11.73 -14.97
C SER A 78 -2.72 10.51 -14.23
N THR A 79 -2.79 9.37 -14.88
CA THR A 79 -3.24 8.13 -14.27
C THR A 79 -2.28 7.72 -13.16
N THR A 80 -0.98 7.83 -13.41
CA THR A 80 0.00 7.42 -12.40
C THR A 80 -0.09 8.34 -11.20
N LEU A 81 -0.18 9.65 -11.40
CA LEU A 81 -0.33 10.57 -10.30
C LEU A 81 -1.61 10.28 -9.54
N GLY A 82 -2.68 9.93 -10.24
CA GLY A 82 -3.97 9.54 -9.63
C GLY A 82 -3.83 8.30 -8.76
N ARG A 83 -3.07 7.33 -9.22
CA ARG A 83 -2.83 6.11 -8.43
C ARG A 83 -2.13 6.45 -7.12
N LEU A 84 -1.13 7.33 -7.17
CA LEU A 84 -0.43 7.70 -5.97
C LEU A 84 -1.27 8.59 -5.09
N THR A 85 -2.09 9.47 -5.68
CA THR A 85 -2.99 10.32 -4.88
C THR A 85 -3.98 9.43 -4.10
N ARG A 86 -4.54 8.41 -4.74
CA ARG A 86 -5.46 7.49 -4.06
C ARG A 86 -4.73 6.83 -2.89
N LEU A 87 -3.51 6.34 -3.12
CA LEU A 87 -2.78 5.68 -2.00
C LEU A 87 -2.49 6.64 -0.90
N ASN A 88 -2.15 7.88 -1.22
CA ASN A 88 -1.91 8.85 -0.19
C ASN A 88 -3.16 9.08 0.67
N VAL A 89 -4.31 9.18 0.06
CA VAL A 89 -5.57 9.36 0.82
C VAL A 89 -5.79 8.15 1.72
N LEU A 90 -5.63 6.94 1.19
CA LEU A 90 -5.86 5.72 1.98
C LEU A 90 -4.88 5.56 3.12
N VAL A 91 -3.61 5.88 2.88
CA VAL A 91 -2.63 5.82 3.94
C VAL A 91 -2.93 6.84 5.05
N ALA A 92 -3.41 8.02 4.67
CA ALA A 92 -3.77 9.00 5.68
C ALA A 92 -4.92 8.47 6.53
N ARG A 93 -5.86 7.73 5.93
CA ARG A 93 -6.96 7.12 6.71
C ARG A 93 -6.49 5.96 7.57
N LEU A 94 -5.38 5.29 7.19
CA LEU A 94 -4.83 4.24 8.01
C LEU A 94 -3.99 4.76 9.18
N ALA A 95 -3.37 5.93 9.02
CA ALA A 95 -2.41 6.39 9.98
C ALA A 95 -2.88 6.43 11.43
N PRO A 96 -4.14 6.83 11.70
CA PRO A 96 -4.55 6.84 13.13
C PRO A 96 -4.42 5.50 13.85
N TYR A 97 -4.46 4.38 13.10
CA TYR A 97 -4.38 3.06 13.69
C TYR A 97 -2.96 2.72 14.10
N TYR A 98 -2.01 3.58 13.79
CA TYR A 98 -0.60 3.38 14.14
C TYR A 98 -0.20 4.33 15.27
N THR A 99 -1.19 4.98 15.89
CA THR A 99 -0.94 5.94 16.98
C THR A 99 -1.05 5.28 18.35
N ASP A 100 -0.65 6.05 19.38
CA ASP A 100 -0.61 5.63 20.78
C ASP A 100 -1.97 5.28 21.38
N SER A 101 -3.03 5.82 20.79
CA SER A 101 -4.37 5.84 21.38
C SER A 101 -4.89 4.54 22.05
N GLY B 12 19.22 -7.42 -0.07
CA GLY B 12 18.27 -8.01 -1.04
C GLY B 12 17.24 -8.96 -0.41
N GLY B 13 16.99 -10.07 -1.08
CA GLY B 13 15.85 -10.91 -0.76
C GLY B 13 15.97 -11.60 0.57
N ASP B 14 17.20 -11.96 0.95
CA ASP B 14 17.38 -12.69 2.22
C ASP B 14 17.05 -11.76 3.38
N ALA B 15 17.54 -10.53 3.31
CA ALA B 15 17.25 -9.54 4.37
C ALA B 15 15.79 -9.18 4.38
N PHE B 16 15.16 -9.13 3.21
CA PHE B 16 13.72 -8.91 3.15
C PHE B 16 12.94 -9.96 3.93
N LEU B 17 13.26 -11.24 3.74
CA LEU B 17 12.55 -12.29 4.46
C LEU B 17 12.78 -12.20 5.95
N LEU B 18 13.99 -11.85 6.36
CA LEU B 18 14.25 -11.65 7.79
C LEU B 18 13.42 -10.50 8.35
N LYS B 19 13.27 -9.41 7.60
CA LYS B 19 12.41 -8.30 8.06
C LYS B 19 10.99 -8.73 8.20
N LEU B 20 10.48 -9.54 7.28
CA LEU B 20 9.10 -10.00 7.42
C LEU B 20 8.91 -10.89 8.62
N ARG B 21 9.89 -11.72 8.92
CA ARG B 21 9.84 -12.55 10.13
C ARG B 21 9.75 -11.65 11.36
N GLU B 22 10.59 -10.64 11.40
CA GLU B 22 10.68 -9.78 12.57
C GLU B 22 9.48 -8.88 12.77
N SER B 23 8.75 -8.63 11.70
CA SER B 23 7.59 -7.73 11.74
C SER B 23 6.26 -8.45 11.58
N ALA B 24 6.25 -9.78 11.62
CA ALA B 24 5.06 -10.56 11.27
C ALA B 24 3.80 -10.13 11.99
N LEU B 25 2.73 -9.93 11.24
CA LEU B 25 1.44 -9.75 11.87
C LEU B 25 0.99 -10.99 12.58
N SER B 26 0.39 -10.85 13.76
CA SER B 26 -0.06 -12.01 14.52
C SER B 26 -1.60 -12.10 14.52
N SER B 27 -2.09 -13.20 15.06
CA SER B 27 -3.51 -13.41 15.19
C SER B 27 -4.18 -12.35 16.07
N GLY B 28 -5.29 -11.78 15.63
CA GLY B 28 -6.05 -10.79 16.44
C GLY B 28 -5.34 -9.46 16.59
N SER B 29 -4.45 -9.14 15.64
CA SER B 29 -3.59 -7.96 15.76
C SER B 29 -4.29 -6.67 15.29
N MET B 30 -5.50 -6.75 14.72
CA MET B 30 -6.14 -5.50 14.24
C MET B 30 -7.64 -5.52 14.16
N SER B 31 -8.24 -4.32 14.07
CA SER B 31 -9.64 -4.14 13.92
C SER B 31 -10.03 -4.41 12.47
N GLU B 32 -11.31 -4.63 12.26
CA GLU B 32 -11.88 -4.87 10.96
C GLU B 32 -11.64 -3.75 9.98
N GLU B 33 -11.82 -2.48 10.39
CA GLU B 33 -11.69 -1.39 9.45
C GLU B 33 -10.25 -1.17 9.02
N GLN B 34 -9.32 -1.31 9.97
CA GLN B 34 -7.91 -1.25 9.62
C GLN B 34 -7.54 -2.35 8.59
N PHE B 35 -8.02 -3.57 8.89
CA PHE B 35 -7.81 -4.67 7.97
C PHE B 35 -8.34 -4.41 6.57
N PHE B 36 -9.57 -3.88 6.47
CA PHE B 36 -10.10 -3.58 5.17
C PHE B 36 -9.39 -2.49 4.40
N LEU B 37 -8.86 -1.50 5.14
CA LEU B 37 -8.03 -0.50 4.47
C LEU B 37 -6.75 -1.12 3.92
N LEU B 38 -6.12 -2.03 4.70
CA LEU B 38 -4.92 -2.71 4.21
C LEU B 38 -5.23 -3.55 2.98
N ILE B 39 -6.36 -4.26 3.01
CA ILE B 39 -6.78 -4.98 1.81
C ILE B 39 -6.97 -4.03 0.62
N GLY B 40 -7.57 -2.87 0.88
CA GLY B 40 -7.82 -1.87 -0.16
C GLY B 40 -6.56 -1.41 -0.85
N ILE B 41 -5.49 -1.23 -0.09
CA ILE B 41 -4.21 -0.81 -0.67
C ILE B 41 -3.48 -1.92 -1.32
N SER B 42 -3.81 -3.16 -0.95
CA SER B 42 -3.12 -4.33 -1.46
C SER B 42 -3.54 -4.70 -2.85
N SER B 43 -2.83 -5.65 -3.45
CA SER B 43 -3.30 -6.30 -4.70
C SER B 43 -3.86 -7.69 -4.45
N ILE B 44 -4.36 -7.93 -3.24
CA ILE B 44 -5.02 -9.20 -2.93
C ILE B 44 -6.49 -9.08 -3.36
N HIS B 45 -6.94 -9.99 -4.18
CA HIS B 45 -8.31 -9.89 -4.62
C HIS B 45 -9.15 -11.16 -4.44
N SER B 46 -8.53 -12.26 -3.99
CA SER B 46 -9.26 -13.52 -3.72
C SER B 46 -10.16 -13.37 -2.48
N ASP B 47 -11.46 -13.55 -2.61
CA ASP B 47 -12.39 -13.45 -1.48
C ASP B 47 -12.03 -14.49 -0.44
N ARG B 48 -11.67 -15.70 -0.86
CA ARG B 48 -11.30 -16.73 0.08
C ARG B 48 -10.15 -16.26 0.96
N VAL B 49 -9.06 -15.73 0.36
CA VAL B 49 -7.89 -15.46 1.20
C VAL B 49 -8.18 -14.19 2.04
N ILE B 50 -9.00 -13.26 1.56
CA ILE B 50 -9.44 -12.12 2.35
C ILE B 50 -10.17 -12.59 3.62
N LEU B 51 -11.12 -13.52 3.45
CA LEU B 51 -11.91 -14.00 4.58
C LEU B 51 -11.03 -14.77 5.55
N ALA B 52 -10.06 -15.52 5.03
CA ALA B 52 -9.16 -16.25 5.87
C ALA B 52 -8.29 -15.29 6.69
N MET B 53 -7.76 -14.27 6.05
CA MET B 53 -6.94 -13.31 6.76
C MET B 53 -7.76 -12.47 7.74
N LYS B 54 -9.03 -12.23 7.47
CA LYS B 54 -9.85 -11.49 8.42
C LYS B 54 -10.04 -12.39 9.66
N ASP B 55 -10.32 -13.65 9.46
CA ASP B 55 -10.52 -14.54 10.60
C ASP B 55 -9.25 -14.59 11.45
N TYR B 56 -8.06 -14.62 10.84
CA TYR B 56 -6.81 -14.66 11.58
C TYR B 56 -6.51 -13.31 12.22
N LEU B 57 -6.40 -12.26 11.41
CA LEU B 57 -5.89 -10.97 11.87
C LEU B 57 -6.88 -10.19 12.72
N VAL B 58 -8.16 -10.28 12.38
CA VAL B 58 -9.18 -9.53 13.10
C VAL B 58 -9.83 -10.39 14.16
N SER B 59 -10.35 -11.53 13.80
CA SER B 59 -11.13 -12.34 14.78
C SER B 59 -10.25 -13.12 15.76
N GLY B 60 -8.96 -13.21 15.48
CA GLY B 60 -8.04 -13.91 16.38
C GLY B 60 -8.17 -15.42 16.36
N HIS B 61 -8.63 -15.97 15.24
CA HIS B 61 -8.58 -17.42 15.09
C HIS B 61 -7.17 -17.87 14.85
N SER B 62 -6.87 -19.11 15.24
CA SER B 62 -5.53 -19.64 15.03
C SER B 62 -5.29 -19.98 13.57
N ARG B 63 -4.03 -19.98 13.19
CA ARG B 63 -3.65 -20.42 11.86
C ARG B 63 -4.22 -21.80 11.51
N LYS B 64 -4.12 -22.71 12.46
CA LYS B 64 -4.62 -24.05 12.32
C LYS B 64 -6.12 -24.01 11.96
N ASP B 65 -6.89 -23.28 12.73
CA ASP B 65 -8.34 -23.21 12.52
C ASP B 65 -8.68 -22.54 11.18
N VAL B 66 -7.96 -21.46 10.85
CA VAL B 66 -8.22 -20.78 9.61
C VAL B 66 -7.87 -21.66 8.41
N CYS B 67 -6.75 -22.36 8.47
CA CYS B 67 -6.42 -23.22 7.36
C CYS B 67 -7.44 -24.34 7.17
N GLU B 68 -8.01 -24.83 8.25
CA GLU B 68 -9.02 -25.89 8.12
C GLU B 68 -10.30 -25.33 7.49
N LYS B 69 -10.70 -24.16 7.94
CA LYS B 69 -11.97 -23.59 7.51
C LYS B 69 -11.98 -23.24 6.04
N TYR B 70 -10.84 -22.74 5.55
CA TYR B 70 -10.72 -22.33 4.18
C TYR B 70 -9.96 -23.30 3.34
N GLN B 71 -9.61 -24.44 3.95
CA GLN B 71 -8.92 -25.53 3.22
C GLN B 71 -7.70 -25.01 2.47
N MET B 72 -6.86 -24.35 3.28
CA MET B 72 -5.71 -23.62 2.82
C MET B 72 -4.46 -24.36 3.29
N ASN B 73 -3.42 -24.36 2.46
CA ASN B 73 -2.14 -24.92 2.88
C ASN B 73 -1.19 -23.87 3.46
N ASN B 74 -0.13 -24.32 4.10
CA ASN B 74 0.73 -23.37 4.81
C ASN B 74 1.45 -22.42 3.88
N GLY B 75 1.85 -22.87 2.69
CA GLY B 75 2.49 -21.97 1.74
C GLY B 75 1.63 -20.78 1.38
N TYR B 76 0.36 -21.04 1.09
CA TYR B 76 -0.53 -20.00 0.69
C TYR B 76 -0.85 -19.08 1.85
N PHE B 77 -1.08 -19.67 3.04
CA PHE B 77 -1.37 -18.88 4.22
C PHE B 77 -0.18 -17.97 4.54
N SER B 78 1.01 -18.54 4.57
CA SER B 78 2.21 -17.81 4.97
C SER B 78 2.55 -16.74 3.95
N THR B 79 2.46 -17.03 2.65
CA THR B 79 2.69 -16.05 1.62
C THR B 79 1.73 -14.85 1.76
N THR B 80 0.46 -15.17 1.98
CA THR B 80 -0.51 -14.09 2.09
C THR B 80 -0.27 -13.24 3.32
N LEU B 81 0.01 -13.91 4.44
CA LEU B 81 0.31 -13.19 5.66
C LEU B 81 1.56 -12.30 5.43
N GLY B 82 2.56 -12.81 4.70
CA GLY B 82 3.74 -12.02 4.42
C GLY B 82 3.42 -10.81 3.57
N ARG B 83 2.52 -10.96 2.61
CA ARG B 83 2.12 -9.77 1.80
C ARG B 83 1.46 -8.70 2.63
N LEU B 84 0.61 -9.11 3.57
CA LEU B 84 0.01 -8.12 4.48
C LEU B 84 0.99 -7.57 5.50
N THR B 85 1.94 -8.40 5.99
CA THR B 85 2.98 -7.91 6.91
C THR B 85 3.78 -6.87 6.17
N ARG B 86 4.16 -7.11 4.92
CA ARG B 86 4.96 -6.11 4.17
C ARG B 86 4.21 -4.79 4.10
N LEU B 87 2.93 -4.86 3.72
CA LEU B 87 2.17 -3.61 3.61
C LEU B 87 2.06 -2.92 4.95
N ASN B 88 1.84 -3.65 6.03
CA ASN B 88 1.75 -3.07 7.35
C ASN B 88 3.03 -2.37 7.76
N VAL B 89 4.19 -2.94 7.43
CA VAL B 89 5.48 -2.29 7.78
C VAL B 89 5.57 -0.96 7.01
N LEU B 90 5.20 -0.97 5.73
CA LEU B 90 5.28 0.26 4.94
C LEU B 90 4.32 1.32 5.45
N VAL B 91 3.11 0.91 5.78
CA VAL B 91 2.14 1.86 6.32
C VAL B 91 2.60 2.41 7.69
N ALA B 92 3.17 1.58 8.55
CA ALA B 92 3.66 2.07 9.82
C ALA B 92 4.77 3.08 9.60
N ARG B 93 5.66 2.83 8.64
CA ARG B 93 6.71 3.79 8.33
C ARG B 93 6.15 5.06 7.72
N LEU B 94 5.04 4.98 6.99
CA LEU B 94 4.44 6.18 6.46
C LEU B 94 3.69 6.99 7.51
N ALA B 95 3.16 6.32 8.53
CA ALA B 95 2.26 7.02 9.46
C ALA B 95 2.74 8.35 10.03
N PRO B 96 4.04 8.48 10.39
CA PRO B 96 4.46 9.75 10.98
C PRO B 96 4.37 10.92 10.00
N TYR B 97 4.31 10.68 8.69
CA TYR B 97 4.09 11.77 7.73
C TYR B 97 2.66 12.30 7.69
N TYR B 98 1.72 11.63 8.41
CA TYR B 98 0.30 11.97 8.35
C TYR B 98 -0.27 12.37 9.71
N THR B 99 0.51 12.17 10.78
CA THR B 99 -0.02 12.32 12.15
C THR B 99 0.30 13.63 12.86
#